data_2FAT
#
_entry.id   2FAT
#
_cell.length_a   37.162
_cell.length_b   84.474
_cell.length_c   134.030
_cell.angle_alpha   90.00
_cell.angle_beta   90.00
_cell.angle_gamma   90.00
#
_symmetry.space_group_name_H-M   'P 21 21 21'
#
loop_
_entity.id
_entity.type
_entity.pdbx_description
1 polymer 'FAB ATN-615, light chain'
2 polymer 'FAB ATN-615, heavy chain'
3 water water
#
loop_
_entity_poly.entity_id
_entity_poly.type
_entity_poly.pdbx_seq_one_letter_code
_entity_poly.pdbx_strand_id
1 'polypeptide(L)'
;DIVLTQSPDITAASLGQKVTITCSASSSVSYMHWYQQKSGTSPKPWIFEISKLASGVPARFSGSGSGTSYSLTISSMEAE
DAAIYYCQQWNYPFTFGGGTKLEIKRADAAPTVSIFPPSSEQLTSGGASVVCFLNNFYPKDINVKWKIDGSERQNGVLNS
WTDQDSKDSTYSMSSTLTLTKDEYERHNSYTCEATHKTSTSPIVKSFNRNEC
;
L
2 'polypeptide(L)'
;GVKLQQSGPEVVKPGASVKISCKASGYSFTNFYIHWVKQRPGQGLEWIGWIFHGSDNTEYNEKFKDKATLTADTSSSTAY
MQLSSLTSEDSAVYFCARWGPHWYFDVWGQGTTVTVSSAKTTPPSVYPLAPGNSMVTLGCLVKGYFPEPVTVTWNSGSLS
SGVHTFPAVLQSDLYTLSSSVTVPSSTWPSETVTCNVAHPASSTKVDKKIAAAG
;
H
#
# COMPACT_ATOMS: atom_id res chain seq x y z
N ASP A 1 23.81 -15.30 13.89
CA ASP A 1 22.38 -14.93 13.69
C ASP A 1 22.04 -13.61 14.37
N ILE A 2 22.32 -12.51 13.67
CA ILE A 2 22.04 -11.18 14.20
C ILE A 2 20.61 -10.77 13.87
N VAL A 3 19.89 -10.31 14.89
CA VAL A 3 18.51 -9.86 14.74
C VAL A 3 18.49 -8.35 14.95
N LEU A 4 17.79 -7.65 14.06
CA LEU A 4 17.69 -6.20 14.15
C LEU A 4 16.29 -5.83 14.55
N THR A 5 16.17 -5.17 15.70
CA THR A 5 14.86 -4.77 16.18
C THR A 5 14.81 -3.25 16.19
N GLN A 6 13.81 -2.70 15.52
CA GLN A 6 13.65 -1.25 15.44
C GLN A 6 12.59 -0.73 16.40
N SER A 7 12.85 0.45 16.96
CA SER A 7 11.90 1.06 17.88
C SER A 7 11.79 2.56 17.61
N PRO A 8 10.57 3.10 17.72
CA PRO A 8 9.36 2.37 18.07
C PRO A 8 8.79 1.79 16.78
N ASP A 9 7.68 1.06 16.86
CA ASP A 9 7.08 0.50 15.65
C ASP A 9 6.46 1.62 14.84
N ILE A 10 5.69 2.46 15.51
CA ILE A 10 5.01 3.57 14.87
C ILE A 10 5.11 4.78 15.81
N THR A 11 5.27 5.96 15.24
CA THR A 11 5.38 7.17 16.05
C THR A 11 4.99 8.38 15.20
N ALA A 12 4.39 9.37 15.83
CA ALA A 12 3.99 10.58 15.13
C ALA A 12 4.69 11.77 15.75
N ALA A 13 5.03 12.75 14.92
CA ALA A 13 5.70 13.94 15.41
C ALA A 13 5.12 15.18 14.73
N SER A 14 5.06 16.27 15.47
CA SER A 14 4.54 17.52 14.94
C SER A 14 5.60 18.20 14.08
N LEU A 15 5.16 19.04 13.15
CA LEU A 15 6.09 19.74 12.28
C LEU A 15 7.04 20.59 13.12
N GLY A 16 8.33 20.55 12.75
CA GLY A 16 9.34 21.31 13.46
C GLY A 16 9.88 20.62 14.70
N GLN A 17 9.31 19.45 15.02
CA GLN A 17 9.70 18.65 16.18
C GLN A 17 10.90 17.74 15.92
N LYS A 18 11.67 17.44 16.95
CA LYS A 18 12.85 16.57 16.83
C LYS A 18 12.42 15.12 17.01
N VAL A 19 12.95 14.23 16.18
CA VAL A 19 12.58 12.82 16.23
C VAL A 19 13.78 11.90 16.10
N THR A 20 13.77 10.83 16.90
CA THR A 20 14.85 9.84 16.85
C THR A 20 14.25 8.45 16.93
N ILE A 21 14.72 7.58 16.04
CA ILE A 21 14.25 6.21 16.03
C ILE A 21 15.50 5.36 16.18
N THR A 22 15.34 4.17 16.73
CA THR A 22 16.50 3.33 16.95
C THR A 22 16.40 1.94 16.34
N CYS A 23 17.57 1.34 16.18
CA CYS A 23 17.71 0.00 15.61
C CYS A 23 18.70 -0.71 16.53
N SER A 24 18.25 -1.80 17.16
CA SER A 24 19.10 -2.55 18.07
C SER A 24 19.53 -3.90 17.49
N ALA A 25 20.83 -4.17 17.51
CA ALA A 25 21.35 -5.43 16.98
C ALA A 25 21.55 -6.44 18.12
N SER A 26 21.02 -7.64 17.94
CA SER A 26 21.14 -8.70 18.96
C SER A 26 22.62 -8.93 19.27
N SER A 27 23.48 -8.55 18.33
CA SER A 27 24.91 -8.71 18.49
C SER A 27 25.59 -7.51 17.85
N SER A 28 26.86 -7.28 18.18
CA SER A 28 27.57 -6.14 17.63
C SER A 28 27.78 -6.19 16.12
N VAL A 29 27.65 -5.03 15.48
CA VAL A 29 27.85 -4.90 14.04
C VAL A 29 28.67 -3.63 13.83
N SER A 30 29.55 -3.64 12.84
CA SER A 30 30.41 -2.49 12.57
C SER A 30 29.71 -1.26 11.98
N TYR A 31 28.80 -1.48 11.04
CA TYR A 31 28.07 -0.38 10.39
C TYR A 31 26.61 -0.69 10.14
N MET A 32 25.82 0.38 10.08
CA MET A 32 24.39 0.25 9.84
C MET A 32 23.96 1.23 8.75
N HIS A 33 23.07 0.80 7.86
CA HIS A 33 22.56 1.66 6.78
C HIS A 33 21.08 1.89 7.08
N TRP A 34 20.52 2.94 6.49
CA TRP A 34 19.10 3.26 6.68
C TRP A 34 18.45 3.59 5.33
N TYR A 35 17.21 3.18 5.16
CA TYR A 35 16.47 3.46 3.92
C TYR A 35 15.11 4.07 4.25
N GLN A 36 14.60 4.86 3.32
CA GLN A 36 13.28 5.48 3.47
C GLN A 36 12.36 4.97 2.37
N GLN A 37 11.19 4.49 2.75
CA GLN A 37 10.24 4.01 1.77
C GLN A 37 8.86 4.60 1.97
N LYS A 38 8.28 5.08 0.88
CA LYS A 38 6.95 5.66 0.92
C LYS A 38 6.01 4.76 0.13
N SER A 39 4.83 4.51 0.69
CA SER A 39 3.83 3.66 0.06
C SER A 39 3.88 3.69 -1.46
N GLY A 40 3.93 2.50 -2.05
CA GLY A 40 3.94 2.38 -3.50
C GLY A 40 5.24 2.72 -4.22
N THR A 41 6.33 2.87 -3.47
CA THR A 41 7.59 3.19 -4.10
C THR A 41 8.71 2.30 -3.58
N SER A 42 9.82 2.28 -4.30
CA SER A 42 10.95 1.49 -3.89
C SER A 42 11.71 2.22 -2.79
N PRO A 43 12.43 1.47 -1.96
CA PRO A 43 13.21 2.04 -0.86
C PRO A 43 14.26 2.99 -1.45
N LYS A 44 14.55 4.08 -0.75
CA LYS A 44 15.56 5.02 -1.20
C LYS A 44 16.68 5.05 -0.17
N PRO A 45 17.95 5.02 -0.63
CA PRO A 45 19.09 5.06 0.29
C PRO A 45 18.99 6.36 1.10
N TRP A 46 19.10 6.27 2.41
CA TRP A 46 18.99 7.45 3.27
C TRP A 46 20.27 7.73 4.04
N ILE A 47 20.67 6.78 4.87
CA ILE A 47 21.91 6.96 5.63
C ILE A 47 22.77 5.74 5.41
N PHE A 48 24.08 5.94 5.27
CA PHE A 48 24.96 4.80 5.10
C PHE A 48 26.17 4.89 6.01
N GLU A 49 26.72 3.74 6.36
CA GLU A 49 27.87 3.65 7.25
C GLU A 49 27.61 4.44 8.54
N ILE A 50 26.43 4.21 9.09
CA ILE A 50 25.98 4.81 10.35
C ILE A 50 25.54 6.27 10.31
N SER A 51 26.44 7.14 9.84
CA SER A 51 26.19 8.57 9.84
C SER A 51 26.30 9.36 8.55
N LYS A 52 26.60 8.69 7.43
CA LYS A 52 26.73 9.42 6.17
C LYS A 52 25.40 9.53 5.42
N LEU A 53 25.06 10.74 5.01
CA LEU A 53 23.81 10.96 4.29
C LEU A 53 23.95 10.61 2.81
N ALA A 54 23.01 9.83 2.30
CA ALA A 54 23.01 9.45 0.89
C ALA A 54 22.56 10.64 0.06
N SER A 55 22.82 10.59 -1.25
CA SER A 55 22.42 11.68 -2.12
C SER A 55 20.90 11.83 -2.10
N GLY A 56 20.44 13.09 -2.11
CA GLY A 56 19.01 13.34 -2.09
C GLY A 56 18.41 13.42 -0.70
N VAL A 57 19.25 13.41 0.32
CA VAL A 57 18.79 13.46 1.70
C VAL A 57 19.14 14.79 2.36
N PRO A 58 18.13 15.53 2.87
CA PRO A 58 18.29 16.83 3.53
C PRO A 58 19.11 16.78 4.82
N ALA A 59 19.82 17.88 5.09
CA ALA A 59 20.70 18.00 6.25
C ALA A 59 20.03 17.85 7.60
N ARG A 60 18.70 17.97 7.67
CA ARG A 60 18.03 17.82 8.95
C ARG A 60 18.14 16.38 9.46
N PHE A 61 18.54 15.47 8.57
CA PHE A 61 18.69 14.07 8.95
C PHE A 61 20.14 13.81 9.41
N SER A 62 20.29 12.89 10.35
CA SER A 62 21.60 12.51 10.86
C SER A 62 21.53 11.10 11.45
N GLY A 63 22.66 10.42 11.50
CA GLY A 63 22.68 9.08 12.06
C GLY A 63 23.82 8.93 13.03
N SER A 64 23.66 8.11 14.06
CA SER A 64 24.72 7.88 15.02
C SER A 64 24.64 6.46 15.58
N GLY A 65 25.64 6.09 16.37
CA GLY A 65 25.65 4.77 16.97
C GLY A 65 26.91 3.96 16.78
N SER A 66 26.93 2.80 17.42
CA SER A 66 28.05 1.87 17.37
C SER A 66 27.64 0.61 18.11
N GLY A 67 28.37 -0.47 17.89
CA GLY A 67 28.06 -1.71 18.59
C GLY A 67 26.70 -2.31 18.30
N THR A 68 25.84 -2.32 19.31
CA THR A 68 24.52 -2.91 19.17
C THR A 68 23.35 -1.93 19.05
N SER A 69 23.63 -0.64 19.12
CA SER A 69 22.55 0.33 19.03
C SER A 69 22.85 1.52 18.13
N TYR A 70 21.92 1.80 17.22
CA TYR A 70 22.08 2.89 16.27
C TYR A 70 20.81 3.72 16.23
N SER A 71 20.92 4.94 15.70
CA SER A 71 19.75 5.81 15.64
C SER A 71 19.76 6.72 14.43
N LEU A 72 18.56 7.15 14.04
CA LEU A 72 18.37 8.07 12.93
C LEU A 72 17.59 9.20 13.55
N THR A 73 18.01 10.42 13.32
CA THR A 73 17.36 11.57 13.92
C THR A 73 17.00 12.64 12.90
N ILE A 74 15.85 13.28 13.11
CA ILE A 74 15.43 14.37 12.24
C ILE A 74 15.39 15.56 13.19
N SER A 75 16.20 16.58 12.90
CA SER A 75 16.28 17.76 13.75
C SER A 75 14.95 18.50 13.83
N SER A 76 14.23 18.51 12.72
CA SER A 76 12.93 19.20 12.65
C SER A 76 12.01 18.48 11.66
N MET A 77 11.00 17.81 12.20
CA MET A 77 10.04 17.04 11.40
C MET A 77 9.29 17.85 10.36
N GLU A 78 9.23 17.32 9.15
CA GLU A 78 8.53 17.96 8.06
C GLU A 78 7.61 16.93 7.42
N ALA A 79 6.48 17.40 6.90
CA ALA A 79 5.47 16.54 6.29
C ALA A 79 6.04 15.45 5.39
N GLU A 80 6.96 15.82 4.50
CA GLU A 80 7.57 14.88 3.56
C GLU A 80 8.41 13.79 4.22
N ASP A 81 8.60 13.87 5.54
CA ASP A 81 9.40 12.87 6.24
C ASP A 81 8.55 11.69 6.70
N ALA A 82 7.23 11.80 6.53
CA ALA A 82 6.34 10.71 6.93
C ALA A 82 6.65 9.55 5.98
N ALA A 83 7.06 8.42 6.55
CA ALA A 83 7.41 7.26 5.74
C ALA A 83 7.81 6.11 6.64
N ILE A 84 8.24 5.01 6.04
CA ILE A 84 8.70 3.88 6.82
C ILE A 84 10.24 3.90 6.71
N TYR A 85 10.93 3.74 7.83
CA TYR A 85 12.39 3.74 7.82
C TYR A 85 12.91 2.38 8.24
N TYR A 86 13.81 1.81 7.43
CA TYR A 86 14.37 0.51 7.71
C TYR A 86 15.86 0.63 7.94
N CYS A 87 16.40 -0.08 8.95
CA CYS A 87 17.84 -0.11 9.13
C CYS A 87 18.28 -1.38 8.41
N GLN A 88 19.56 -1.48 8.06
CA GLN A 88 20.05 -2.67 7.38
C GLN A 88 21.48 -2.98 7.78
N GLN A 89 21.74 -4.26 8.01
CA GLN A 89 23.08 -4.73 8.37
C GLN A 89 23.95 -4.44 7.15
N TRP A 90 25.13 -3.86 7.38
CA TRP A 90 26.03 -3.51 6.28
C TRP A 90 26.69 -4.66 5.51
N ASN A 91 26.73 -5.85 6.10
CA ASN A 91 27.35 -6.97 5.40
C ASN A 91 26.45 -8.20 5.38
N TYR A 92 26.89 -9.25 4.70
CA TYR A 92 26.11 -10.50 4.61
C TYR A 92 25.62 -10.87 6.02
N PRO A 93 24.35 -11.32 6.15
CA PRO A 93 23.29 -11.51 5.16
C PRO A 93 22.48 -10.26 4.79
N PHE A 94 23.03 -9.08 5.02
CA PHE A 94 22.34 -7.86 4.63
C PHE A 94 20.92 -7.74 5.16
N THR A 95 20.71 -8.24 6.37
CA THR A 95 19.40 -8.23 7.02
C THR A 95 18.83 -6.84 7.30
N PHE A 96 17.52 -6.68 7.09
CA PHE A 96 16.85 -5.42 7.37
C PHE A 96 16.11 -5.52 8.69
N GLY A 97 15.85 -4.38 9.32
CA GLY A 97 15.11 -4.38 10.55
C GLY A 97 13.65 -4.40 10.12
N GLY A 98 12.72 -4.58 11.06
CA GLY A 98 11.31 -4.62 10.71
C GLY A 98 10.69 -3.28 10.31
N GLY A 99 11.46 -2.21 10.45
CA GLY A 99 10.98 -0.88 10.09
C GLY A 99 10.22 -0.10 11.16
N THR A 100 10.27 1.22 11.03
CA THR A 100 9.57 2.12 11.94
C THR A 100 8.76 3.07 11.08
N LYS A 101 7.48 3.21 11.39
CA LYS A 101 6.60 4.09 10.65
C LYS A 101 6.55 5.44 11.35
N LEU A 102 6.88 6.49 10.61
CA LEU A 102 6.85 7.85 11.12
C LEU A 102 5.71 8.61 10.46
N GLU A 103 4.79 9.14 11.26
CA GLU A 103 3.67 9.88 10.71
C GLU A 103 3.75 11.34 11.14
N ILE A 104 3.11 12.23 10.39
CA ILE A 104 3.11 13.63 10.77
C ILE A 104 1.89 13.88 11.65
N LYS A 105 2.12 14.47 12.80
CA LYS A 105 1.03 14.74 13.72
C LYS A 105 0.29 16.00 13.30
N ARG A 106 -1.02 16.01 13.55
CA ARG A 106 -1.88 17.15 13.23
C ARG A 106 -3.02 17.22 14.24
N ALA A 107 -3.76 18.31 14.22
CA ALA A 107 -4.88 18.49 15.14
C ALA A 107 -5.92 17.39 14.93
N ASP A 108 -6.54 16.94 16.01
CA ASP A 108 -7.55 15.90 15.90
C ASP A 108 -8.66 16.30 14.94
N ALA A 109 -9.33 15.32 14.36
CA ALA A 109 -10.41 15.57 13.42
C ALA A 109 -11.38 14.40 13.42
N ALA A 110 -12.65 14.69 13.68
CA ALA A 110 -13.65 13.64 13.69
C ALA A 110 -13.85 13.17 12.25
N PRO A 111 -14.28 11.93 12.06
CA PRO A 111 -14.49 11.44 10.69
C PRO A 111 -15.81 11.91 10.11
N THR A 112 -15.85 11.96 8.77
CA THR A 112 -17.07 12.33 8.06
C THR A 112 -17.62 10.97 7.61
N VAL A 113 -18.72 10.55 8.23
CA VAL A 113 -19.32 9.26 7.94
C VAL A 113 -20.44 9.30 6.91
N SER A 114 -20.34 8.40 5.93
CA SER A 114 -21.34 8.29 4.87
C SER A 114 -21.71 6.83 4.67
N ILE A 115 -22.99 6.53 4.61
CA ILE A 115 -23.42 5.15 4.40
C ILE A 115 -24.16 5.07 3.07
N PHE A 116 -23.91 4.01 2.32
CA PHE A 116 -24.54 3.85 1.02
C PHE A 116 -25.26 2.53 0.85
N PRO A 117 -26.53 2.57 0.46
CA PRO A 117 -27.29 1.33 0.28
C PRO A 117 -26.80 0.69 -1.02
N PRO A 118 -27.14 -0.59 -1.24
CA PRO A 118 -26.71 -1.25 -2.47
C PRO A 118 -27.33 -0.52 -3.66
N SER A 119 -26.59 -0.42 -4.75
CA SER A 119 -27.11 0.27 -5.93
C SER A 119 -28.21 -0.56 -6.58
N SER A 120 -29.09 0.10 -7.32
CA SER A 120 -30.17 -0.60 -7.98
C SER A 120 -29.57 -1.58 -8.98
N GLU A 121 -28.52 -1.12 -9.67
CA GLU A 121 -27.82 -1.93 -10.65
C GLU A 121 -27.35 -3.27 -10.06
N GLN A 122 -26.80 -3.23 -8.85
CA GLN A 122 -26.33 -4.46 -8.22
C GLN A 122 -27.50 -5.32 -7.76
N LEU A 123 -28.57 -4.67 -7.34
CA LEU A 123 -29.75 -5.39 -6.89
C LEU A 123 -30.41 -6.16 -8.04
N THR A 124 -30.51 -5.51 -9.20
CA THR A 124 -31.13 -6.15 -10.37
C THR A 124 -30.31 -7.36 -10.85
N SER A 125 -29.08 -7.48 -10.39
CA SER A 125 -28.24 -8.60 -10.76
C SER A 125 -28.23 -9.65 -9.66
N GLY A 126 -28.97 -9.38 -8.58
CA GLY A 126 -29.07 -10.34 -7.48
C GLY A 126 -28.09 -10.23 -6.33
N GLY A 127 -27.32 -9.15 -6.29
CA GLY A 127 -26.35 -8.97 -5.22
C GLY A 127 -26.70 -7.80 -4.33
N ALA A 128 -26.04 -7.69 -3.18
CA ALA A 128 -26.29 -6.59 -2.25
C ALA A 128 -25.11 -6.29 -1.34
N SER A 129 -24.47 -5.13 -1.54
CA SER A 129 -23.32 -4.73 -0.73
C SER A 129 -23.64 -3.37 -0.09
N VAL A 130 -23.36 -3.22 1.21
CA VAL A 130 -23.61 -1.95 1.88
C VAL A 130 -22.25 -1.35 2.20
N VAL A 131 -22.06 -0.08 1.86
CA VAL A 131 -20.76 0.53 2.09
C VAL A 131 -20.79 1.76 2.99
N CYS A 132 -19.76 1.87 3.80
CA CYS A 132 -19.64 2.99 4.72
C CYS A 132 -18.23 3.56 4.61
N PHE A 133 -18.13 4.89 4.45
CA PHE A 133 -16.84 5.55 4.39
C PHE A 133 -16.68 6.39 5.66
N LEU A 134 -15.52 6.28 6.29
CA LEU A 134 -15.18 7.07 7.47
C LEU A 134 -14.01 7.88 6.96
N ASN A 135 -14.29 9.11 6.51
CA ASN A 135 -13.27 9.95 5.91
C ASN A 135 -12.62 11.09 6.68
N ASN A 136 -11.37 11.35 6.31
CA ASN A 136 -10.56 12.43 6.86
C ASN A 136 -10.60 12.65 8.36
N PHE A 137 -10.17 11.65 9.11
CA PHE A 137 -10.13 11.77 10.56
C PHE A 137 -8.70 11.64 11.03
N TYR A 138 -8.43 12.14 12.23
CA TYR A 138 -7.09 12.04 12.79
C TYR A 138 -7.34 11.60 14.22
N PRO A 139 -6.54 10.62 14.68
CA PRO A 139 -5.68 9.56 15.20
C PRO A 139 -6.18 8.32 14.49
N LYS A 140 -5.30 7.66 13.74
CA LYS A 140 -5.69 6.48 12.99
C LYS A 140 -6.67 5.58 13.73
N ASP A 141 -6.57 5.54 15.05
CA ASP A 141 -7.43 4.70 15.85
C ASP A 141 -8.93 4.98 15.67
N ILE A 142 -9.66 3.97 15.22
CA ILE A 142 -11.10 4.15 15.03
C ILE A 142 -11.77 2.79 14.96
N ASN A 143 -13.00 2.70 15.45
CA ASN A 143 -13.72 1.44 15.43
C ASN A 143 -15.05 1.59 14.70
N VAL A 144 -15.34 0.64 13.81
CA VAL A 144 -16.59 0.69 13.07
C VAL A 144 -17.49 -0.45 13.50
N LYS A 145 -18.76 -0.14 13.71
CA LYS A 145 -19.74 -1.12 14.12
C LYS A 145 -20.95 -1.06 13.20
N TRP A 146 -21.35 -2.22 12.69
CA TRP A 146 -22.52 -2.27 11.82
C TRP A 146 -23.68 -2.80 12.63
N LYS A 147 -24.87 -2.27 12.38
CA LYS A 147 -26.06 -2.72 13.08
C LYS A 147 -27.20 -2.89 12.09
N ILE A 148 -27.79 -4.08 12.09
CA ILE A 148 -28.88 -4.38 11.18
C ILE A 148 -30.10 -4.59 12.06
N ASP A 149 -31.12 -3.77 11.85
CA ASP A 149 -32.34 -3.83 12.65
C ASP A 149 -31.97 -3.86 14.13
N GLY A 150 -31.01 -3.01 14.49
CA GLY A 150 -30.57 -2.92 15.87
C GLY A 150 -29.51 -3.90 16.34
N SER A 151 -29.47 -5.09 15.75
CA SER A 151 -28.49 -6.08 16.17
C SER A 151 -27.13 -5.84 15.51
N GLU A 152 -26.07 -5.99 16.29
CA GLU A 152 -24.72 -5.78 15.80
C GLU A 152 -24.28 -6.95 14.93
N ARG A 153 -23.52 -6.65 13.88
CA ARG A 153 -23.04 -7.69 12.99
C ARG A 153 -21.52 -7.65 12.91
N GLN A 154 -20.91 -8.82 13.08
CA GLN A 154 -19.45 -8.92 13.08
C GLN A 154 -18.82 -9.48 11.80
N ASN A 155 -19.53 -10.34 11.08
CA ASN A 155 -18.96 -10.93 9.88
C ASN A 155 -19.55 -10.53 8.53
N GLY A 156 -18.74 -10.72 7.49
CA GLY A 156 -19.15 -10.35 6.14
C GLY A 156 -18.71 -8.91 5.94
N VAL A 157 -17.90 -8.44 6.90
CA VAL A 157 -17.41 -7.08 6.89
C VAL A 157 -15.93 -6.96 6.54
N LEU A 158 -15.65 -6.26 5.46
CA LEU A 158 -14.27 -6.05 5.01
C LEU A 158 -13.92 -4.58 5.11
N ASN A 159 -12.79 -4.29 5.75
CA ASN A 159 -12.34 -2.92 5.92
C ASN A 159 -11.02 -2.67 5.19
N SER A 160 -10.78 -1.42 4.86
CA SER A 160 -9.55 -1.02 4.17
C SER A 160 -9.26 0.39 4.63
N TRP A 161 -7.98 0.75 4.68
CA TRP A 161 -7.59 2.08 5.13
C TRP A 161 -6.56 2.72 4.22
N THR A 162 -6.59 4.05 4.15
CA THR A 162 -5.65 4.81 3.35
C THR A 162 -4.57 5.36 4.29
N ASP A 163 -3.45 5.79 3.73
CA ASP A 163 -2.40 6.38 4.56
C ASP A 163 -2.71 7.87 4.70
N GLN A 164 -1.91 8.57 5.48
CA GLN A 164 -2.12 9.99 5.67
C GLN A 164 -2.19 10.74 4.35
N ASP A 165 -3.31 11.42 4.11
CA ASP A 165 -3.48 12.19 2.90
C ASP A 165 -2.44 13.31 2.94
N SER A 166 -1.52 13.30 1.98
CA SER A 166 -0.45 14.30 1.91
C SER A 166 -0.94 15.74 1.89
N LYS A 167 -2.25 15.95 1.90
CA LYS A 167 -2.80 17.29 1.89
C LYS A 167 -3.22 17.75 3.28
N ASP A 168 -4.10 16.98 3.93
CA ASP A 168 -4.57 17.33 5.25
C ASP A 168 -4.00 16.44 6.35
N SER A 169 -3.22 15.44 5.94
CA SER A 169 -2.60 14.50 6.88
C SER A 169 -3.59 13.66 7.67
N THR A 170 -4.79 13.46 7.14
CA THR A 170 -5.79 12.66 7.83
C THR A 170 -5.79 11.24 7.27
N TYR A 171 -6.57 10.38 7.90
CA TYR A 171 -6.73 9.00 7.47
C TYR A 171 -8.17 8.82 7.04
N SER A 172 -8.43 7.77 6.27
CA SER A 172 -9.78 7.48 5.81
C SER A 172 -9.95 5.96 5.88
N MET A 173 -11.19 5.50 5.94
CA MET A 173 -11.43 4.09 6.05
C MET A 173 -12.76 3.73 5.42
N SER A 174 -12.82 2.56 4.80
CA SER A 174 -14.06 2.10 4.19
C SER A 174 -14.41 0.77 4.84
N SER A 175 -15.70 0.54 5.02
CA SER A 175 -16.17 -0.71 5.59
C SER A 175 -17.30 -1.18 4.70
N THR A 176 -17.22 -2.43 4.24
CA THR A 176 -18.24 -2.97 3.36
C THR A 176 -18.82 -4.26 3.90
N LEU A 177 -20.14 -4.30 3.99
CA LEU A 177 -20.90 -5.45 4.47
C LEU A 177 -21.46 -6.08 3.20
N THR A 178 -21.09 -7.33 2.90
CA THR A 178 -21.58 -7.96 1.67
C THR A 178 -22.63 -9.03 1.93
N LEU A 179 -23.73 -8.97 1.17
CA LEU A 179 -24.85 -9.91 1.33
C LEU A 179 -25.51 -10.29 0.01
N THR A 180 -26.39 -11.29 0.08
CA THR A 180 -27.15 -11.69 -1.09
C THR A 180 -28.39 -10.81 -1.08
N LYS A 181 -29.10 -10.74 -2.19
CA LYS A 181 -30.29 -9.91 -2.26
C LYS A 181 -31.23 -10.25 -1.10
N ASP A 182 -31.42 -11.54 -0.84
CA ASP A 182 -32.33 -11.97 0.23
C ASP A 182 -31.87 -11.57 1.63
N GLU A 183 -30.59 -11.76 1.91
CA GLU A 183 -30.04 -11.42 3.22
C GLU A 183 -30.30 -9.94 3.51
N TYR A 184 -30.13 -9.12 2.49
CA TYR A 184 -30.35 -7.68 2.60
C TYR A 184 -31.83 -7.31 2.66
N GLU A 185 -32.66 -7.99 1.88
CA GLU A 185 -34.08 -7.68 1.86
C GLU A 185 -34.86 -8.13 3.09
N ARG A 186 -34.27 -9.02 3.88
CA ARG A 186 -34.94 -9.52 5.08
C ARG A 186 -35.00 -8.48 6.19
N HIS A 187 -34.01 -7.59 6.22
CA HIS A 187 -33.97 -6.56 7.24
C HIS A 187 -34.27 -5.20 6.69
N ASN A 188 -34.56 -4.24 7.57
CA ASN A 188 -34.91 -2.91 7.13
C ASN A 188 -33.94 -1.79 7.45
N SER A 189 -33.45 -1.74 8.69
CA SER A 189 -32.52 -0.69 9.11
C SER A 189 -31.06 -1.07 9.03
N TYR A 190 -30.28 -0.21 8.37
CA TYR A 190 -28.84 -0.43 8.24
C TYR A 190 -28.09 0.74 8.85
N THR A 191 -27.23 0.44 9.81
CA THR A 191 -26.48 1.48 10.50
C THR A 191 -24.98 1.25 10.60
N CYS A 192 -24.25 2.33 10.36
CA CYS A 192 -22.80 2.35 10.43
C CYS A 192 -22.44 3.28 11.59
N GLU A 193 -21.80 2.75 12.62
CA GLU A 193 -21.40 3.54 13.79
C GLU A 193 -19.90 3.66 13.96
N ALA A 194 -19.41 4.89 14.07
CA ALA A 194 -17.99 5.14 14.25
C ALA A 194 -17.69 5.67 15.63
N THR A 195 -16.69 5.08 16.28
CA THR A 195 -16.26 5.49 17.61
C THR A 195 -14.84 6.04 17.48
N HIS A 196 -14.72 7.37 17.63
CA HIS A 196 -13.43 8.04 17.52
C HIS A 196 -13.17 8.86 18.79
N LYS A 197 -11.90 9.05 19.15
CA LYS A 197 -11.58 9.79 20.37
C LYS A 197 -12.18 11.19 20.37
N THR A 198 -12.25 11.81 19.20
CA THR A 198 -12.80 13.15 19.08
C THR A 198 -14.27 13.22 19.47
N SER A 199 -14.81 12.10 19.93
CA SER A 199 -16.21 12.05 20.31
C SER A 199 -16.48 11.03 21.41
N THR A 200 -17.19 11.47 22.44
CA THR A 200 -17.53 10.58 23.54
C THR A 200 -18.67 9.72 23.05
N SER A 201 -19.43 10.26 22.10
CA SER A 201 -20.56 9.57 21.52
C SER A 201 -20.26 9.14 20.08
N PRO A 202 -20.55 7.88 19.75
CA PRO A 202 -20.30 7.36 18.40
C PRO A 202 -21.10 8.09 17.31
N ILE A 203 -20.46 8.29 16.15
CA ILE A 203 -21.10 8.94 15.02
C ILE A 203 -21.91 7.88 14.29
N VAL A 204 -23.22 8.14 14.14
CA VAL A 204 -24.10 7.19 13.51
C VAL A 204 -24.72 7.68 12.20
N LYS A 205 -24.75 6.79 11.21
CA LYS A 205 -25.35 7.07 9.92
C LYS A 205 -26.15 5.82 9.59
N SER A 206 -27.37 6.02 9.07
CA SER A 206 -28.23 4.89 8.75
C SER A 206 -29.21 5.17 7.62
N PHE A 207 -29.90 4.12 7.18
CA PHE A 207 -30.89 4.24 6.13
C PHE A 207 -31.84 3.05 6.25
N ASN A 208 -33.06 3.21 5.74
CA ASN A 208 -34.03 2.12 5.78
C ASN A 208 -34.09 1.55 4.37
N ARG A 209 -33.96 0.23 4.26
CA ARG A 209 -33.99 -0.44 2.97
C ARG A 209 -35.14 0.09 2.12
N ASN A 210 -36.32 0.17 2.71
CA ASN A 210 -37.47 0.67 1.98
C ASN A 210 -37.25 2.13 1.61
N GLU A 211 -37.67 2.98 2.54
CA GLU A 211 -37.60 4.43 2.44
C GLU A 211 -36.29 5.05 1.96
N CYS A 212 -35.42 5.39 2.91
CA CYS A 212 -34.13 6.02 2.66
C CYS A 212 -33.50 5.78 1.28
N GLY B 1 20.31 9.36 -15.46
CA GLY B 1 21.32 9.01 -14.41
C GLY B 1 21.50 7.51 -14.30
N VAL B 2 22.11 7.05 -13.21
CA VAL B 2 22.27 5.62 -13.01
C VAL B 2 20.84 5.08 -12.90
N LYS B 3 20.49 4.15 -13.77
CA LYS B 3 19.14 3.62 -13.77
C LYS B 3 19.03 2.10 -13.92
N LEU B 4 17.99 1.55 -13.33
CA LEU B 4 17.72 0.12 -13.39
C LEU B 4 16.26 -0.04 -13.77
N GLN B 5 16.01 -0.64 -14.94
CA GLN B 5 14.65 -0.85 -15.41
C GLN B 5 14.21 -2.29 -15.17
N GLN B 6 13.16 -2.47 -14.39
CA GLN B 6 12.67 -3.82 -14.09
C GLN B 6 11.48 -4.18 -14.96
N SER B 7 11.27 -5.48 -15.15
CA SER B 7 10.17 -5.96 -15.97
C SER B 7 8.81 -5.70 -15.33
N GLY B 8 7.76 -5.85 -16.13
CA GLY B 8 6.41 -5.61 -15.66
C GLY B 8 5.84 -6.64 -14.70
N PRO B 9 4.61 -6.41 -14.22
CA PRO B 9 3.86 -7.26 -13.27
C PRO B 9 3.59 -8.66 -13.80
N GLU B 10 3.69 -9.65 -12.92
CA GLU B 10 3.48 -11.03 -13.28
C GLU B 10 2.42 -11.72 -12.45
N VAL B 11 1.65 -12.59 -13.11
CA VAL B 11 0.64 -13.40 -12.45
C VAL B 11 1.05 -14.81 -12.84
N VAL B 12 1.31 -15.64 -11.85
CA VAL B 12 1.73 -17.01 -12.15
C VAL B 12 1.01 -18.00 -11.24
N LYS B 13 0.65 -19.14 -11.80
CA LYS B 13 -0.06 -20.15 -11.02
C LYS B 13 0.89 -20.93 -10.12
N PRO B 14 0.39 -21.40 -8.99
CA PRO B 14 1.20 -22.17 -8.04
C PRO B 14 1.95 -23.27 -8.78
N GLY B 15 3.19 -23.53 -8.38
CA GLY B 15 3.99 -24.55 -9.03
C GLY B 15 4.72 -24.09 -10.28
N ALA B 16 4.28 -22.99 -10.86
CA ALA B 16 4.92 -22.47 -12.06
C ALA B 16 6.18 -21.68 -11.69
N SER B 17 6.87 -21.18 -12.71
CA SER B 17 8.09 -20.41 -12.48
C SER B 17 8.01 -19.11 -13.25
N VAL B 18 8.81 -18.13 -12.85
CA VAL B 18 8.83 -16.86 -13.55
C VAL B 18 10.25 -16.31 -13.54
N LYS B 19 10.58 -15.52 -14.55
CA LYS B 19 11.91 -14.92 -14.61
C LYS B 19 11.74 -13.42 -14.75
N ILE B 20 12.24 -12.69 -13.76
CA ILE B 20 12.16 -11.22 -13.75
C ILE B 20 13.49 -10.64 -14.21
N SER B 21 13.45 -9.44 -14.77
CA SER B 21 14.67 -8.81 -15.26
C SER B 21 14.87 -7.40 -14.72
N CYS B 22 16.14 -6.99 -14.68
CA CYS B 22 16.54 -5.68 -14.19
C CYS B 22 17.65 -5.21 -15.13
N LYS B 23 17.33 -4.26 -16.00
CA LYS B 23 18.32 -3.76 -16.94
C LYS B 23 18.95 -2.47 -16.44
N ALA B 24 20.28 -2.44 -16.49
CA ALA B 24 21.03 -1.29 -16.04
C ALA B 24 21.45 -0.41 -17.21
N SER B 25 21.42 0.90 -16.98
CA SER B 25 21.82 1.87 -17.99
C SER B 25 22.47 3.05 -17.27
N GLY B 26 23.42 3.69 -17.94
CA GLY B 26 24.09 4.82 -17.34
C GLY B 26 25.35 4.41 -16.61
N TYR B 27 25.78 3.16 -16.82
CA TYR B 27 27.00 2.69 -16.18
C TYR B 27 27.57 1.39 -16.73
N SER B 28 28.82 1.14 -16.36
CA SER B 28 29.57 -0.03 -16.79
C SER B 28 29.06 -1.38 -16.27
N PHE B 29 27.84 -1.39 -15.75
CA PHE B 29 27.18 -2.59 -15.23
C PHE B 29 28.06 -3.61 -14.52
N THR B 30 29.04 -4.16 -15.23
CA THR B 30 29.95 -5.17 -14.66
C THR B 30 30.89 -4.65 -13.58
N ASN B 31 30.82 -3.35 -13.28
CA ASN B 31 31.67 -2.77 -12.25
C ASN B 31 31.01 -2.79 -10.88
N PHE B 32 29.71 -3.06 -10.84
CA PHE B 32 29.00 -3.09 -9.57
C PHE B 32 28.16 -4.34 -9.39
N TYR B 33 27.75 -4.62 -8.15
CA TYR B 33 26.91 -5.78 -7.87
C TYR B 33 25.45 -5.40 -8.02
N ILE B 34 24.60 -6.40 -8.30
CA ILE B 34 23.17 -6.19 -8.40
C ILE B 34 22.58 -7.08 -7.32
N HIS B 35 21.83 -6.49 -6.40
CA HIS B 35 21.17 -7.20 -5.30
C HIS B 35 19.68 -7.31 -5.60
N TRP B 36 19.05 -8.32 -5.01
CA TRP B 36 17.61 -8.49 -5.17
C TRP B 36 16.99 -8.50 -3.77
N VAL B 37 15.84 -7.84 -3.66
CA VAL B 37 15.14 -7.71 -2.38
C VAL B 37 13.67 -8.03 -2.55
N LYS B 38 13.10 -8.69 -1.56
CA LYS B 38 11.71 -9.10 -1.59
C LYS B 38 10.89 -8.39 -0.53
N GLN B 39 9.66 -8.04 -0.87
CA GLN B 39 8.75 -7.40 0.08
C GLN B 39 7.32 -7.93 -0.09
N ARG B 40 6.89 -8.74 0.87
CA ARG B 40 5.54 -9.30 0.82
C ARG B 40 4.52 -8.22 1.14
N PRO B 41 3.26 -8.42 0.73
CA PRO B 41 2.19 -7.44 0.98
C PRO B 41 2.12 -6.96 2.42
N GLY B 42 2.33 -5.65 2.61
CA GLY B 42 2.28 -5.08 3.94
C GLY B 42 3.37 -5.49 4.91
N GLN B 43 4.45 -6.10 4.42
CA GLN B 43 5.53 -6.51 5.32
C GLN B 43 6.85 -5.79 5.02
N GLY B 44 7.91 -6.18 5.72
CA GLY B 44 9.21 -5.55 5.54
C GLY B 44 10.04 -6.06 4.38
N LEU B 45 11.32 -5.68 4.39
CA LEU B 45 12.24 -6.07 3.33
C LEU B 45 13.09 -7.29 3.66
N GLU B 46 13.35 -8.09 2.63
CA GLU B 46 14.16 -9.30 2.78
C GLU B 46 15.20 -9.33 1.69
N TRP B 47 16.45 -9.61 2.05
CA TRP B 47 17.52 -9.69 1.06
C TRP B 47 17.52 -11.09 0.46
N ILE B 48 17.57 -11.18 -0.87
CA ILE B 48 17.57 -12.47 -1.53
C ILE B 48 18.99 -12.90 -1.91
N GLY B 49 19.75 -12.00 -2.52
CA GLY B 49 21.10 -12.33 -2.93
C GLY B 49 21.69 -11.33 -3.90
N TRP B 50 22.93 -11.56 -4.29
CA TRP B 50 23.55 -10.66 -5.24
C TRP B 50 24.29 -11.42 -6.32
N ILE B 51 24.58 -10.74 -7.42
CA ILE B 51 25.32 -11.33 -8.52
C ILE B 51 26.35 -10.30 -8.97
N PHE B 52 27.57 -10.76 -9.26
CA PHE B 52 28.61 -9.85 -9.71
C PHE B 52 29.09 -10.26 -11.09
N HIS B 53 28.32 -9.88 -12.10
CA HIS B 53 28.62 -10.15 -13.49
C HIS B 53 29.48 -11.36 -13.75
N GLY B 54 28.81 -12.49 -13.52
CA GLY B 54 29.34 -13.82 -13.67
C GLY B 54 28.08 -14.57 -13.32
N SER B 55 27.44 -15.20 -14.30
CA SER B 55 26.20 -15.91 -14.06
C SER B 55 26.17 -16.71 -12.77
N ASP B 56 27.35 -17.02 -12.23
CA ASP B 56 27.39 -17.72 -10.96
C ASP B 56 28.57 -17.33 -10.08
N ASN B 57 28.66 -16.03 -9.86
CA ASN B 57 29.61 -15.42 -8.96
C ASN B 57 28.48 -14.76 -8.19
N THR B 58 27.75 -15.60 -7.49
CA THR B 58 26.59 -15.17 -6.74
C THR B 58 26.68 -15.49 -5.26
N GLU B 59 25.75 -14.91 -4.51
CA GLU B 59 25.66 -15.12 -3.09
C GLU B 59 24.17 -15.03 -2.80
N TYR B 60 23.68 -15.93 -1.97
CA TYR B 60 22.26 -15.95 -1.65
C TYR B 60 21.99 -15.97 -0.16
N ASN B 61 20.79 -15.53 0.19
CA ASN B 61 20.30 -15.58 1.55
C ASN B 61 19.98 -17.09 1.60
N GLU B 62 20.48 -17.81 2.60
CA GLU B 62 20.25 -19.26 2.67
C GLU B 62 18.80 -19.66 2.35
N LYS B 63 17.87 -18.91 2.93
CA LYS B 63 16.43 -19.13 2.76
C LYS B 63 15.99 -19.17 1.30
N PHE B 64 16.70 -18.45 0.44
CA PHE B 64 16.34 -18.38 -0.96
C PHE B 64 17.11 -19.27 -1.94
N LYS B 65 18.05 -20.07 -1.43
CA LYS B 65 18.73 -20.98 -2.33
C LYS B 65 17.59 -21.95 -2.54
N ASP B 66 17.42 -22.48 -3.74
CA ASP B 66 16.32 -23.43 -4.02
C ASP B 66 15.00 -22.73 -4.37
N LYS B 67 15.02 -21.41 -4.46
CA LYS B 67 13.83 -20.65 -4.80
C LYS B 67 14.20 -19.66 -5.89
N ALA B 68 15.33 -18.99 -5.69
CA ALA B 68 15.81 -17.99 -6.63
C ALA B 68 17.13 -18.38 -7.26
N THR B 69 17.27 -18.06 -8.53
CA THR B 69 18.49 -18.31 -9.30
C THR B 69 18.84 -17.00 -9.99
N LEU B 70 20.00 -16.43 -9.65
CA LEU B 70 20.41 -15.17 -10.26
C LEU B 70 21.38 -15.37 -11.44
N THR B 71 21.12 -14.66 -12.52
CA THR B 71 21.98 -14.73 -13.68
C THR B 71 22.15 -13.34 -14.26
N ALA B 72 23.13 -13.18 -15.15
CA ALA B 72 23.38 -11.89 -15.75
C ALA B 72 23.81 -12.02 -17.19
N ASP B 73 23.45 -11.02 -17.98
CA ASP B 73 23.79 -10.99 -19.39
C ASP B 73 24.56 -9.70 -19.64
N THR B 74 25.89 -9.80 -19.66
CA THR B 74 26.73 -8.64 -19.86
C THR B 74 26.55 -7.98 -21.23
N SER B 75 26.10 -8.77 -22.21
CA SER B 75 25.89 -8.24 -23.55
C SER B 75 24.73 -7.24 -23.60
N SER B 76 23.89 -7.24 -22.57
CA SER B 76 22.76 -6.33 -22.50
C SER B 76 22.71 -5.63 -21.15
N SER B 77 23.68 -5.95 -20.30
CA SER B 77 23.75 -5.38 -18.96
C SER B 77 22.44 -5.63 -18.21
N THR B 78 21.99 -6.87 -18.25
CA THR B 78 20.75 -7.25 -17.58
C THR B 78 20.92 -8.34 -16.54
N ALA B 79 20.28 -8.14 -15.39
CA ALA B 79 20.32 -9.11 -14.31
C ALA B 79 18.96 -9.80 -14.32
N TYR B 80 18.96 -11.10 -14.07
CA TYR B 80 17.72 -11.85 -14.05
C TYR B 80 17.54 -12.61 -12.76
N MET B 81 16.29 -12.82 -12.38
CA MET B 81 16.03 -13.60 -11.20
C MET B 81 14.90 -14.56 -11.51
N GLN B 82 15.23 -15.84 -11.52
CA GLN B 82 14.24 -16.87 -11.79
C GLN B 82 13.78 -17.46 -10.46
N LEU B 83 12.47 -17.46 -10.25
CA LEU B 83 11.88 -18.00 -9.03
C LEU B 83 11.12 -19.26 -9.46
N SER B 84 11.43 -20.39 -8.84
CA SER B 84 10.80 -21.66 -9.22
C SER B 84 9.76 -22.21 -8.24
N SER B 85 8.88 -23.07 -8.75
CA SER B 85 7.84 -23.71 -7.95
C SER B 85 7.23 -22.74 -6.97
N LEU B 86 6.59 -21.70 -7.50
CA LEU B 86 5.99 -20.66 -6.70
C LEU B 86 4.80 -21.10 -5.86
N THR B 87 4.67 -20.49 -4.69
CA THR B 87 3.58 -20.74 -3.77
C THR B 87 3.08 -19.34 -3.40
N SER B 88 1.96 -19.25 -2.69
CA SER B 88 1.42 -17.95 -2.30
C SER B 88 2.41 -17.13 -1.46
N GLU B 89 3.33 -17.82 -0.79
CA GLU B 89 4.32 -17.14 0.03
C GLU B 89 5.31 -16.35 -0.82
N ASP B 90 5.29 -16.62 -2.13
CA ASP B 90 6.17 -15.93 -3.06
C ASP B 90 5.54 -14.68 -3.67
N SER B 91 4.29 -14.41 -3.34
CA SER B 91 3.63 -13.21 -3.85
C SER B 91 4.28 -12.04 -3.13
N ALA B 92 4.82 -11.10 -3.92
CA ALA B 92 5.49 -9.95 -3.32
C ALA B 92 5.96 -9.04 -4.44
N VAL B 93 6.56 -7.93 -4.04
CA VAL B 93 7.14 -6.99 -4.99
C VAL B 93 8.62 -7.31 -4.86
N TYR B 94 9.32 -7.41 -5.98
CA TYR B 94 10.74 -7.70 -5.97
C TYR B 94 11.51 -6.51 -6.54
N PHE B 95 12.52 -6.05 -5.79
CA PHE B 95 13.34 -4.92 -6.22
C PHE B 95 14.76 -5.37 -6.52
N CYS B 96 15.42 -4.67 -7.44
CA CYS B 96 16.82 -4.95 -7.70
C CYS B 96 17.48 -3.65 -7.29
N ALA B 97 18.74 -3.74 -6.89
CA ALA B 97 19.47 -2.56 -6.45
C ALA B 97 20.95 -2.75 -6.75
N ARG B 98 21.63 -1.65 -6.97
CA ARG B 98 23.06 -1.71 -7.25
C ARG B 98 23.82 -1.48 -5.95
N TRP B 99 24.90 -2.23 -5.75
CA TRP B 99 25.72 -2.03 -4.57
C TRP B 99 26.70 -1.00 -5.07
N GLY B 100 26.44 0.27 -4.73
CA GLY B 100 27.26 1.37 -5.18
C GLY B 100 28.71 1.39 -4.71
N PRO B 101 29.46 2.43 -5.07
CA PRO B 101 30.87 2.58 -4.69
C PRO B 101 31.06 2.78 -3.19
N HIS B 102 30.14 3.49 -2.55
CA HIS B 102 30.23 3.74 -1.12
C HIS B 102 29.73 2.53 -0.34
N TRP B 103 29.50 1.46 -1.09
CA TRP B 103 29.05 0.19 -0.55
C TRP B 103 27.72 0.18 0.21
N TYR B 104 26.67 0.61 -0.49
CA TYR B 104 25.32 0.58 0.04
C TYR B 104 24.44 0.53 -1.20
N PHE B 105 23.23 0.04 -1.05
CA PHE B 105 22.30 -0.08 -2.16
C PHE B 105 21.93 1.34 -2.59
N ASP B 106 22.72 1.91 -3.52
CA ASP B 106 22.54 3.29 -3.97
C ASP B 106 21.50 3.62 -5.05
N VAL B 107 21.21 2.67 -5.95
CA VAL B 107 20.20 2.93 -6.98
C VAL B 107 19.27 1.73 -7.00
N TRP B 108 17.97 1.99 -6.99
CA TRP B 108 16.99 0.91 -6.97
C TRP B 108 16.04 0.87 -8.15
N GLY B 109 15.61 -0.35 -8.47
CA GLY B 109 14.65 -0.54 -9.54
C GLY B 109 13.31 -0.14 -8.96
N GLN B 110 12.30 0.00 -9.81
CA GLN B 110 10.97 0.39 -9.35
C GLN B 110 10.20 -0.74 -8.68
N GLY B 111 10.68 -1.97 -8.86
CA GLY B 111 10.03 -3.11 -8.27
C GLY B 111 9.10 -3.83 -9.25
N THR B 112 9.06 -5.15 -9.15
CA THR B 112 8.20 -5.98 -10.00
C THR B 112 7.24 -6.76 -9.10
N THR B 113 5.95 -6.60 -9.35
CA THR B 113 4.97 -7.31 -8.56
C THR B 113 4.72 -8.69 -9.13
N VAL B 114 4.74 -9.69 -8.25
CA VAL B 114 4.49 -11.06 -8.64
C VAL B 114 3.31 -11.52 -7.80
N THR B 115 2.28 -12.05 -8.47
CA THR B 115 1.12 -12.55 -7.77
C THR B 115 0.99 -14.04 -8.09
N VAL B 116 1.06 -14.88 -7.06
CA VAL B 116 0.93 -16.32 -7.26
C VAL B 116 -0.49 -16.70 -6.91
N SER B 117 -1.26 -17.09 -7.92
CA SER B 117 -2.66 -17.46 -7.72
C SER B 117 -3.22 -18.26 -8.90
N SER B 118 -4.20 -19.10 -8.62
CA SER B 118 -4.82 -19.89 -9.67
C SER B 118 -6.12 -19.21 -10.12
N ALA B 119 -6.37 -18.02 -9.57
CA ALA B 119 -7.56 -17.25 -9.93
C ALA B 119 -7.52 -16.91 -11.42
N LYS B 120 -8.69 -16.74 -12.03
CA LYS B 120 -8.76 -16.43 -13.45
C LYS B 120 -8.87 -14.91 -13.66
N THR B 121 -8.37 -14.42 -14.79
CA THR B 121 -8.47 -13.00 -15.08
C THR B 121 -9.97 -12.67 -15.13
N THR B 122 -10.40 -11.73 -14.30
CA THR B 122 -11.81 -11.36 -14.20
C THR B 122 -11.99 -9.85 -14.08
N PRO B 123 -12.87 -9.26 -14.92
CA PRO B 123 -13.09 -7.82 -14.84
C PRO B 123 -13.95 -7.48 -13.63
N PRO B 124 -13.83 -6.26 -13.11
CA PRO B 124 -14.64 -5.89 -11.95
C PRO B 124 -16.06 -5.53 -12.32
N SER B 125 -16.97 -5.65 -11.36
CA SER B 125 -18.35 -5.26 -11.53
C SER B 125 -18.28 -3.92 -10.84
N VAL B 126 -18.72 -2.87 -11.52
CA VAL B 126 -18.63 -1.52 -10.98
C VAL B 126 -20.00 -0.97 -10.62
N TYR B 127 -20.20 -0.64 -9.35
CA TYR B 127 -21.47 -0.12 -8.87
C TYR B 127 -21.40 1.28 -8.33
N PRO B 128 -22.35 2.15 -8.72
CA PRO B 128 -22.34 3.53 -8.24
C PRO B 128 -22.91 3.62 -6.82
N LEU B 129 -22.35 4.52 -6.00
CA LEU B 129 -22.79 4.70 -4.62
C LEU B 129 -23.33 6.14 -4.38
N ALA B 130 -24.66 6.27 -4.21
CA ALA B 130 -25.40 7.56 -3.97
C ALA B 130 -25.91 7.72 -2.51
N PRO B 131 -25.75 8.95 -1.92
CA PRO B 131 -25.98 9.70 -0.65
C PRO B 131 -27.07 10.65 -0.06
N GLY B 132 -26.54 11.83 0.34
CA GLY B 132 -27.33 12.87 0.98
C GLY B 132 -27.29 14.42 1.28
N ASN B 133 -26.19 15.17 1.50
CA ASN B 133 -26.37 16.63 1.91
C ASN B 133 -25.60 17.95 1.62
N SER B 134 -24.48 18.27 2.27
CA SER B 134 -23.88 19.62 2.01
C SER B 134 -22.61 19.75 1.19
N MET B 135 -21.65 18.93 1.55
CA MET B 135 -20.44 18.76 0.79
C MET B 135 -21.04 17.39 0.64
N VAL B 136 -21.13 16.83 -0.54
CA VAL B 136 -21.73 15.52 -0.61
C VAL B 136 -20.69 14.48 -0.96
N THR B 137 -20.82 13.28 -0.42
CA THR B 137 -19.86 12.23 -0.73
C THR B 137 -20.54 11.15 -1.55
N LEU B 138 -19.90 10.81 -2.67
CA LEU B 138 -20.40 9.80 -3.59
C LEU B 138 -19.36 8.71 -3.64
N GLY B 139 -19.72 7.55 -4.18
CA GLY B 139 -18.74 6.47 -4.24
C GLY B 139 -18.86 5.57 -5.44
N CYS B 140 -17.89 4.66 -5.55
CA CYS B 140 -17.81 3.72 -6.66
C CYS B 140 -17.31 2.41 -6.05
N LEU B 141 -18.09 1.34 -6.18
CA LEU B 141 -17.68 0.04 -5.64
C LEU B 141 -17.17 -0.80 -6.82
N VAL B 142 -15.94 -1.27 -6.73
CA VAL B 142 -15.27 -2.07 -7.77
C VAL B 142 -15.06 -3.44 -7.17
N LYS B 143 -15.96 -4.35 -7.52
CA LYS B 143 -15.98 -5.69 -6.93
C LYS B 143 -15.68 -6.90 -7.81
N GLY B 144 -15.04 -7.88 -7.20
CA GLY B 144 -14.73 -9.15 -7.84
C GLY B 144 -13.81 -9.21 -9.05
N TYR B 145 -12.66 -8.55 -8.97
CA TYR B 145 -11.74 -8.57 -10.10
C TYR B 145 -10.44 -9.27 -9.79
N PHE B 146 -9.72 -9.60 -10.85
CA PHE B 146 -8.43 -10.24 -10.69
C PHE B 146 -7.71 -10.15 -12.00
N PRO B 147 -6.42 -9.80 -11.97
CA PRO B 147 -5.64 -9.49 -10.77
C PRO B 147 -5.58 -7.99 -10.58
N GLU B 148 -4.77 -7.55 -9.62
CA GLU B 148 -4.57 -6.12 -9.41
C GLU B 148 -3.72 -5.66 -10.59
N PRO B 149 -3.73 -4.36 -10.88
CA PRO B 149 -4.51 -3.38 -10.14
C PRO B 149 -5.60 -2.81 -11.05
N VAL B 150 -6.33 -1.83 -10.52
CA VAL B 150 -7.33 -1.13 -11.32
C VAL B 150 -6.97 0.33 -11.10
N THR B 151 -7.42 1.17 -12.02
CA THR B 151 -7.17 2.60 -11.95
C THR B 151 -8.55 3.23 -11.91
N VAL B 152 -8.79 4.06 -10.90
CA VAL B 152 -10.09 4.70 -10.77
C VAL B 152 -9.91 6.21 -10.87
N THR B 153 -10.74 6.83 -11.71
CA THR B 153 -10.71 8.28 -11.87
C THR B 153 -12.15 8.77 -11.80
N TRP B 154 -12.32 10.07 -11.56
CA TRP B 154 -13.65 10.64 -11.49
C TRP B 154 -13.74 11.74 -12.53
N ASN B 155 -14.79 11.70 -13.36
CA ASN B 155 -14.98 12.68 -14.41
C ASN B 155 -13.70 12.74 -15.23
N SER B 156 -13.15 11.57 -15.55
CA SER B 156 -11.93 11.46 -16.33
C SER B 156 -10.78 12.26 -15.73
N GLY B 157 -10.82 12.53 -14.44
CA GLY B 157 -9.75 13.27 -13.80
C GLY B 157 -10.06 14.72 -13.51
N SER B 158 -11.25 15.20 -13.90
CA SER B 158 -11.62 16.58 -13.63
C SER B 158 -11.74 16.77 -12.12
N LEU B 159 -12.19 15.72 -11.43
CA LEU B 159 -12.32 15.78 -9.98
C LEU B 159 -11.16 14.97 -9.41
N SER B 160 -10.21 15.66 -8.80
CA SER B 160 -9.05 14.98 -8.21
C SER B 160 -8.98 15.27 -6.73
N SER B 161 -9.33 16.50 -6.35
CA SER B 161 -9.32 16.86 -4.96
C SER B 161 -10.57 16.23 -4.33
N GLY B 162 -10.46 15.81 -3.09
CA GLY B 162 -11.61 15.20 -2.45
C GLY B 162 -11.81 13.75 -2.82
N VAL B 163 -10.90 13.17 -3.61
CA VAL B 163 -11.00 11.76 -4.01
C VAL B 163 -10.16 10.87 -3.10
N HIS B 164 -10.74 9.74 -2.66
CA HIS B 164 -10.08 8.75 -1.82
C HIS B 164 -10.27 7.37 -2.46
N THR B 165 -9.21 6.70 -2.86
CA THR B 165 -9.38 5.34 -3.38
C THR B 165 -8.70 4.39 -2.38
N PHE B 166 -9.48 3.50 -1.80
CA PHE B 166 -9.00 2.55 -0.80
C PHE B 166 -8.29 1.33 -1.38
N PRO B 167 -7.32 0.77 -0.62
CA PRO B 167 -6.57 -0.40 -1.08
C PRO B 167 -7.54 -1.56 -1.23
N ALA B 168 -7.30 -2.43 -2.20
CA ALA B 168 -8.21 -3.55 -2.40
C ALA B 168 -8.03 -4.62 -1.33
N VAL B 169 -9.10 -5.37 -1.09
CA VAL B 169 -9.08 -6.46 -0.14
C VAL B 169 -9.40 -7.71 -0.95
N LEU B 170 -8.85 -8.85 -0.51
CA LEU B 170 -9.04 -10.09 -1.22
C LEU B 170 -10.03 -11.04 -0.53
N GLN B 171 -11.08 -11.42 -1.24
CA GLN B 171 -12.09 -12.36 -0.71
C GLN B 171 -12.59 -13.30 -1.80
N SER B 172 -12.57 -14.59 -1.50
CA SER B 172 -12.99 -15.62 -2.46
C SER B 172 -12.00 -15.59 -3.62
N ASP B 173 -10.77 -15.19 -3.31
CA ASP B 173 -9.69 -15.11 -4.28
C ASP B 173 -9.83 -13.97 -5.30
N LEU B 174 -10.79 -13.08 -5.09
CA LEU B 174 -10.97 -11.94 -5.98
C LEU B 174 -10.83 -10.64 -5.19
N TYR B 175 -10.45 -9.55 -5.86
CA TYR B 175 -10.27 -8.27 -5.19
C TYR B 175 -11.49 -7.36 -5.25
N THR B 176 -11.61 -6.53 -4.22
CA THR B 176 -12.69 -5.56 -4.15
C THR B 176 -12.15 -4.29 -3.54
N LEU B 177 -12.54 -3.15 -4.10
CA LEU B 177 -12.07 -1.88 -3.59
C LEU B 177 -13.18 -0.87 -3.79
N SER B 178 -13.04 0.31 -3.19
CA SER B 178 -14.04 1.36 -3.36
C SER B 178 -13.30 2.68 -3.47
N SER B 179 -13.96 3.68 -4.04
CA SER B 179 -13.34 4.99 -4.17
C SER B 179 -14.42 5.98 -3.80
N SER B 180 -14.06 7.03 -3.08
CA SER B 180 -15.07 8.02 -2.71
C SER B 180 -14.62 9.38 -3.20
N VAL B 181 -15.59 10.23 -3.52
CA VAL B 181 -15.28 11.57 -3.98
C VAL B 181 -16.24 12.49 -3.23
N THR B 182 -15.73 13.63 -2.78
CA THR B 182 -16.55 14.58 -2.06
C THR B 182 -16.63 15.85 -2.89
N VAL B 183 -17.82 16.42 -3.01
CA VAL B 183 -18.01 17.63 -3.80
C VAL B 183 -19.04 18.55 -3.17
N PRO B 184 -19.03 19.84 -3.56
CA PRO B 184 -20.02 20.76 -2.98
C PRO B 184 -21.40 20.29 -3.38
N SER B 185 -22.37 20.38 -2.49
CA SER B 185 -23.72 19.93 -2.82
C SER B 185 -24.28 20.70 -4.02
N SER B 186 -23.69 21.86 -4.30
CA SER B 186 -24.12 22.67 -5.42
C SER B 186 -23.62 22.10 -6.74
N THR B 187 -22.76 21.09 -6.65
CA THR B 187 -22.19 20.46 -7.83
C THR B 187 -22.95 19.21 -8.27
N TRP B 188 -23.42 18.44 -7.29
CA TRP B 188 -24.15 17.21 -7.57
C TRP B 188 -25.43 17.15 -6.72
N PRO B 189 -26.55 16.66 -7.28
CA PRO B 189 -26.74 16.13 -8.65
C PRO B 189 -26.86 17.17 -9.76
N SER B 190 -26.58 18.43 -9.44
CA SER B 190 -26.66 19.53 -10.40
C SER B 190 -25.92 19.16 -11.67
N GLU B 191 -24.71 18.64 -11.50
CA GLU B 191 -23.88 18.25 -12.63
C GLU B 191 -23.52 16.77 -12.56
N THR B 192 -23.10 16.23 -13.70
CA THR B 192 -22.73 14.83 -13.78
C THR B 192 -21.41 14.51 -13.09
N VAL B 193 -21.41 13.41 -12.36
CA VAL B 193 -20.21 12.93 -11.68
C VAL B 193 -20.21 11.46 -12.07
N THR B 194 -19.10 11.01 -12.64
CA THR B 194 -18.98 9.63 -13.11
C THR B 194 -17.66 9.03 -12.66
N CYS B 195 -17.65 7.74 -12.34
CA CYS B 195 -16.37 7.12 -11.99
C CYS B 195 -15.96 6.24 -13.16
N ASN B 196 -14.68 6.30 -13.50
CA ASN B 196 -14.16 5.53 -14.60
C ASN B 196 -13.19 4.52 -14.00
N VAL B 197 -13.41 3.24 -14.30
CA VAL B 197 -12.57 2.19 -13.76
C VAL B 197 -11.91 1.40 -14.88
N ALA B 198 -10.59 1.43 -14.90
CA ALA B 198 -9.84 0.71 -15.91
C ALA B 198 -9.20 -0.53 -15.27
N HIS B 199 -9.26 -1.66 -15.96
CA HIS B 199 -8.66 -2.89 -15.45
C HIS B 199 -7.83 -3.42 -16.62
N PRO B 200 -6.58 -2.98 -16.71
CA PRO B 200 -5.64 -3.37 -17.76
C PRO B 200 -5.61 -4.87 -18.10
N ALA B 201 -5.46 -5.70 -17.08
CA ALA B 201 -5.36 -7.14 -17.29
C ALA B 201 -6.50 -7.75 -18.09
N SER B 202 -7.72 -7.25 -17.91
CA SER B 202 -8.87 -7.78 -18.65
C SER B 202 -9.20 -6.84 -19.81
N SER B 203 -8.33 -5.88 -20.06
CA SER B 203 -8.50 -4.91 -21.13
C SER B 203 -9.89 -4.28 -21.11
N THR B 204 -10.39 -4.00 -19.92
CA THR B 204 -11.72 -3.39 -19.81
C THR B 204 -11.64 -2.02 -19.12
N LYS B 205 -12.61 -1.18 -19.46
CA LYS B 205 -12.71 0.14 -18.87
C LYS B 205 -14.20 0.47 -18.88
N VAL B 206 -14.72 0.87 -17.72
CA VAL B 206 -16.14 1.18 -17.64
C VAL B 206 -16.37 2.56 -17.01
N ASP B 207 -17.49 3.16 -17.37
CA ASP B 207 -17.89 4.46 -16.82
C ASP B 207 -19.23 4.24 -16.15
N LYS B 208 -19.34 4.63 -14.89
CA LYS B 208 -20.59 4.49 -14.14
C LYS B 208 -20.98 5.85 -13.58
N LYS B 209 -22.07 6.40 -14.11
CA LYS B 209 -22.55 7.70 -13.66
C LYS B 209 -23.23 7.53 -12.31
N ILE B 210 -23.04 8.48 -11.41
CA ILE B 210 -23.66 8.40 -10.10
C ILE B 210 -25.01 9.12 -10.20
N ALA B 211 -26.10 8.36 -10.15
CA ALA B 211 -27.44 8.93 -10.25
C ALA B 211 -28.13 8.96 -8.89
N ALA B 212 -29.09 9.86 -8.75
CA ALA B 212 -29.84 9.97 -7.50
C ALA B 212 -30.74 8.75 -7.24
N ALA B 213 -30.93 8.48 -5.94
CA ALA B 213 -31.71 7.35 -5.38
C ALA B 213 -30.68 6.58 -4.58
N GLY B 214 -31.10 5.60 -3.78
CA GLY B 214 -30.12 4.86 -3.01
C GLY B 214 -30.46 3.40 -2.81
#